data_4YYP
#
_entry.id   4YYP
#
_cell.length_a   86.570
_cell.length_b   136.330
_cell.length_c   33.440
_cell.angle_alpha   90.00
_cell.angle_beta   90.00
_cell.angle_gamma   90.00
#
_symmetry.space_group_name_H-M   'C 2 2 21'
#
loop_
_entity.id
_entity.type
_entity.pdbx_description
1 polymer 'Serine/threonine-protein kinase PLK4'
2 polymer 'SCL-interrupting locus protein'
3 non-polymer 'CHLORIDE ION'
4 water water
#
loop_
_entity_poly.entity_id
_entity_poly.type
_entity_poly.pdbx_seq_one_letter_code
_entity_poly.pdbx_strand_id
1 'polypeptide(L)'
;SAQLLKSVFVKNVGWATQLTSGAVWVQFNDGSQLVVQAGVSSISYTSPNGQTTRYGENEKLPDYIKQKLQCLSSILLMFS
NPTPNFH
;
A
2 'polypeptide(L)' PDAYRFLTEQDRQLRLLQAQIQRLLEAQSLMP B
#
loop_
_chem_comp.id
_chem_comp.type
_chem_comp.name
_chem_comp.formula
CL non-polymer 'CHLORIDE ION' 'Cl -1'
#
# COMPACT_ATOMS: atom_id res chain seq x y z
N SER A 1 6.06 -7.43 16.71
CA SER A 1 6.94 -7.40 15.54
C SER A 1 6.22 -7.79 14.25
N ALA A 2 6.33 -6.94 13.21
CA ALA A 2 5.70 -7.10 11.89
C ALA A 2 6.32 -8.25 11.09
N GLN A 3 5.56 -9.33 10.90
CA GLN A 3 5.93 -10.48 10.09
C GLN A 3 5.35 -10.32 8.68
N LEU A 4 5.90 -11.05 7.72
CA LEU A 4 5.40 -11.03 6.35
C LEU A 4 4.20 -11.93 6.39
N LEU A 5 3.07 -11.48 5.81
CA LEU A 5 1.81 -12.22 5.86
C LEU A 5 1.43 -12.83 4.48
N LYS A 6 1.32 -12.01 3.40
CA LYS A 6 0.93 -12.49 2.07
C LYS A 6 1.73 -11.78 1.00
N SER A 7 2.27 -12.52 0.03
CA SER A 7 3.06 -11.98 -1.08
C SER A 7 2.34 -12.23 -2.39
N VAL A 8 2.23 -11.19 -3.24
CA VAL A 8 1.52 -11.27 -4.53
C VAL A 8 2.36 -10.66 -5.62
N PHE A 9 2.21 -11.21 -6.81
CA PHE A 9 2.92 -10.83 -8.00
C PHE A 9 2.00 -10.20 -8.98
N VAL A 10 2.49 -9.17 -9.67
CA VAL A 10 1.74 -8.49 -10.71
C VAL A 10 2.59 -8.34 -11.95
N LYS A 11 2.18 -8.98 -13.03
CA LYS A 11 2.86 -8.86 -14.32
C LYS A 11 2.28 -7.58 -14.96
N ASN A 12 3.05 -6.65 -15.55
CA ASN A 12 4.51 -6.51 -15.70
C ASN A 12 4.82 -5.29 -14.82
N VAL A 13 4.52 -5.39 -13.52
CA VAL A 13 4.60 -4.33 -12.53
C VAL A 13 5.63 -4.65 -11.45
N GLY A 14 5.37 -5.71 -10.69
CA GLY A 14 6.27 -6.14 -9.63
C GLY A 14 5.62 -7.04 -8.61
N TRP A 15 6.12 -6.99 -7.40
CA TRP A 15 5.65 -7.81 -6.28
C TRP A 15 5.24 -6.91 -5.16
N ALA A 16 4.13 -7.26 -4.53
CA ALA A 16 3.61 -6.56 -3.36
C ALA A 16 3.55 -7.56 -2.21
N THR A 17 3.80 -7.10 -0.99
CA THR A 17 3.83 -7.96 0.18
C THR A 17 3.12 -7.31 1.34
N GLN A 18 2.12 -7.98 1.87
CA GLN A 18 1.39 -7.45 2.99
C GLN A 18 2.08 -7.94 4.22
N LEU A 19 2.30 -7.04 5.16
CA LEU A 19 2.91 -7.39 6.44
C LEU A 19 1.81 -7.40 7.53
N THR A 20 2.12 -8.04 8.68
CA THR A 20 1.21 -8.19 9.84
C THR A 20 0.73 -6.84 10.35
N SER A 21 1.67 -5.90 10.50
CA SER A 21 1.42 -4.55 11.00
C SER A 21 0.32 -3.72 10.28
N GLY A 22 -0.04 -4.10 9.07
CA GLY A 22 -0.98 -3.37 8.22
C GLY A 22 -0.26 -2.64 7.10
N ALA A 23 1.05 -2.93 6.93
CA ALA A 23 1.89 -2.32 5.93
C ALA A 23 1.80 -3.07 4.62
N VAL A 24 2.18 -2.40 3.54
CA VAL A 24 2.28 -2.96 2.19
C VAL A 24 3.59 -2.46 1.61
N TRP A 25 4.36 -3.41 1.09
CA TRP A 25 5.66 -3.19 0.53
C TRP A 25 5.65 -3.66 -0.90
N VAL A 26 5.72 -2.73 -1.86
CA VAL A 26 5.78 -3.01 -3.29
C VAL A 26 7.22 -2.81 -3.72
N GLN A 27 7.74 -3.72 -4.57
CA GLN A 27 9.10 -3.73 -5.12
C GLN A 27 8.94 -3.79 -6.64
N PHE A 28 8.91 -2.63 -7.29
CA PHE A 28 8.62 -2.55 -8.72
C PHE A 28 9.74 -3.11 -9.59
N ASN A 29 9.38 -3.52 -10.82
N ASN A 29 9.39 -3.53 -10.82
CA ASN A 29 10.35 -4.07 -11.77
CA ASN A 29 10.37 -4.09 -11.76
C ASN A 29 11.25 -3.01 -12.40
C ASN A 29 11.31 -3.02 -12.34
N ASP A 30 11.12 -1.73 -12.01
CA ASP A 30 11.98 -0.64 -12.51
C ASP A 30 13.06 -0.27 -11.50
N GLY A 31 13.06 -0.93 -10.33
CA GLY A 31 14.01 -0.68 -9.27
C GLY A 31 13.46 0.17 -8.17
N SER A 32 12.16 0.56 -8.30
CA SER A 32 11.46 1.39 -7.32
C SER A 32 10.91 0.55 -6.18
N GLN A 33 10.68 1.16 -5.01
CA GLN A 33 10.18 0.46 -3.83
C GLN A 33 9.25 1.37 -3.05
N LEU A 34 7.94 1.18 -3.18
CA LEU A 34 6.95 1.97 -2.44
C LEU A 34 6.60 1.22 -1.16
N VAL A 35 6.44 1.94 -0.05
CA VAL A 35 6.04 1.39 1.24
C VAL A 35 4.96 2.30 1.75
N VAL A 36 3.91 1.69 2.24
CA VAL A 36 2.70 2.34 2.68
C VAL A 36 2.09 1.53 3.85
N GLN A 37 1.40 2.20 4.78
CA GLN A 37 0.78 1.53 5.93
C GLN A 37 -0.48 2.24 6.37
N ALA A 38 -1.46 1.47 6.87
CA ALA A 38 -2.72 2.02 7.37
C ALA A 38 -2.46 2.75 8.68
N GLY A 39 -3.19 3.83 8.93
CA GLY A 39 -2.99 4.67 10.11
C GLY A 39 -1.93 5.74 9.88
N VAL A 40 -0.81 5.35 9.24
CA VAL A 40 0.30 6.25 8.92
C VAL A 40 -0.09 7.10 7.69
N SER A 41 -0.05 8.45 7.85
CA SER A 41 -0.37 9.39 6.76
C SER A 41 0.79 9.52 5.75
N SER A 42 2.03 9.22 6.20
CA SER A 42 3.24 9.30 5.38
C SER A 42 3.38 8.11 4.41
N ILE A 43 4.15 8.32 3.33
CA ILE A 43 4.48 7.27 2.36
C ILE A 43 5.97 7.34 2.03
N SER A 44 6.67 6.19 2.08
CA SER A 44 8.10 6.14 1.74
C SER A 44 8.26 5.54 0.34
N TYR A 45 8.95 6.23 -0.54
CA TYR A 45 9.21 5.78 -1.89
C TYR A 45 10.71 5.76 -2.17
N THR A 46 11.23 4.61 -2.52
CA THR A 46 12.61 4.44 -2.95
C THR A 46 12.61 4.32 -4.48
N SER A 47 13.58 4.99 -5.11
CA SER A 47 13.72 5.15 -6.55
C SER A 47 14.79 4.23 -7.13
N PRO A 48 14.89 4.09 -8.49
CA PRO A 48 15.91 3.19 -9.06
C PRO A 48 17.36 3.55 -8.74
N ASN A 49 17.65 4.85 -8.59
CA ASN A 49 18.97 5.33 -8.18
C ASN A 49 19.35 4.87 -6.74
N GLY A 50 18.36 4.48 -5.92
CA GLY A 50 18.58 4.00 -4.57
C GLY A 50 18.19 4.95 -3.44
N GLN A 51 17.79 6.20 -3.78
CA GLN A 51 17.40 7.16 -2.75
C GLN A 51 16.04 6.84 -2.22
N THR A 52 15.90 6.80 -0.89
CA THR A 52 14.65 6.57 -0.17
C THR A 52 14.13 7.95 0.30
N THR A 53 12.84 8.29 0.02
CA THR A 53 12.25 9.59 0.40
C THR A 53 10.89 9.42 1.07
N ARG A 54 10.70 9.97 2.29
CA ARG A 54 9.43 9.92 3.00
C ARG A 54 8.63 11.15 2.57
N TYR A 55 7.30 11.00 2.42
CA TYR A 55 6.43 12.09 1.99
C TYR A 55 5.21 12.15 2.90
N GLY A 56 4.95 13.33 3.48
CA GLY A 56 3.83 13.56 4.36
C GLY A 56 2.53 13.85 3.64
N GLU A 57 1.45 13.84 4.43
CA GLU A 57 0.06 14.04 3.99
C GLU A 57 -0.13 15.23 3.04
N ASN A 58 0.55 16.37 3.30
CA ASN A 58 0.41 17.61 2.54
C ASN A 58 1.73 18.04 1.90
N GLU A 59 2.23 17.16 1.02
CA GLU A 59 3.44 17.39 0.24
C GLU A 59 3.08 17.06 -1.18
N LYS A 60 3.30 17.98 -2.09
CA LYS A 60 2.99 17.77 -3.49
C LYS A 60 3.95 16.69 -4.04
N LEU A 61 3.41 15.56 -4.54
CA LEU A 61 4.16 14.46 -5.10
C LEU A 61 4.29 14.62 -6.62
N PRO A 62 5.40 14.10 -7.21
CA PRO A 62 5.49 14.10 -8.67
C PRO A 62 4.67 12.95 -9.28
N ASP A 63 4.25 13.12 -10.55
CA ASP A 63 3.44 12.12 -11.24
C ASP A 63 4.01 10.71 -11.12
N TYR A 64 5.36 10.54 -11.22
CA TYR A 64 5.99 9.22 -11.11
C TYR A 64 5.67 8.48 -9.79
N ILE A 65 5.45 9.21 -8.67
CA ILE A 65 5.04 8.59 -7.40
C ILE A 65 3.51 8.47 -7.36
N LYS A 66 2.76 9.41 -7.96
CA LYS A 66 1.29 9.30 -7.98
C LYS A 66 0.87 8.07 -8.78
N GLN A 67 1.56 7.81 -9.93
CA GLN A 67 1.30 6.67 -10.81
C GLN A 67 1.49 5.35 -10.11
N LYS A 68 2.52 5.26 -9.27
CA LYS A 68 2.82 4.05 -8.51
C LYS A 68 1.78 3.87 -7.38
N LEU A 69 1.28 4.95 -6.80
CA LEU A 69 0.21 4.87 -5.80
C LEU A 69 -1.11 4.39 -6.44
N GLN A 70 -1.47 4.91 -7.65
CA GLN A 70 -2.68 4.49 -8.40
C GLN A 70 -2.61 2.98 -8.51
N CYS A 71 -1.46 2.53 -9.00
CA CYS A 71 -1.07 1.15 -9.22
C CYS A 71 -1.13 0.35 -7.91
N LEU A 72 -0.54 0.87 -6.81
CA LEU A 72 -0.63 0.21 -5.50
C LEU A 72 -2.11 0.01 -5.08
N SER A 73 -3.02 0.99 -5.34
CA SER A 73 -4.45 0.86 -4.98
C SER A 73 -5.09 -0.34 -5.72
N SER A 74 -4.66 -0.58 -6.95
CA SER A 74 -5.10 -1.68 -7.79
C SER A 74 -4.47 -3.03 -7.33
N ILE A 75 -3.24 -3.03 -6.81
CA ILE A 75 -2.60 -4.24 -6.29
C ILE A 75 -3.31 -4.65 -4.97
N LEU A 76 -3.83 -3.65 -4.21
CA LEU A 76 -4.57 -3.89 -2.95
C LEU A 76 -5.84 -4.77 -3.14
N LEU A 77 -6.33 -4.90 -4.40
CA LEU A 77 -7.46 -5.75 -4.77
C LEU A 77 -7.11 -7.25 -4.68
N MET A 78 -5.82 -7.58 -4.78
CA MET A 78 -5.34 -8.95 -4.80
C MET A 78 -5.11 -9.58 -3.42
N PHE A 79 -5.24 -8.82 -2.33
CA PHE A 79 -5.13 -9.35 -0.95
C PHE A 79 -6.52 -9.37 -0.29
N SER A 80 -7.58 -8.91 -1.02
CA SER A 80 -8.93 -8.82 -0.48
C SER A 80 -9.66 -10.15 -0.54
N ASN A 81 -10.13 -10.64 0.64
CA ASN A 81 -10.92 -11.86 0.72
C ASN A 81 -12.36 -11.44 0.50
N PRO A 82 -12.99 -11.88 -0.61
CA PRO A 82 -14.37 -11.49 -0.88
C PRO A 82 -15.42 -12.36 -0.18
N THR A 83 -15.01 -13.43 0.57
CA THR A 83 -15.94 -14.30 1.28
C THR A 83 -16.85 -13.48 2.23
N PRO A 84 -18.19 -13.67 2.23
CA PRO A 84 -19.01 -12.89 3.17
C PRO A 84 -18.78 -13.28 4.62
N ASN A 85 -18.86 -12.29 5.50
CA ASN A 85 -18.70 -12.48 6.94
C ASN A 85 -20.08 -12.72 7.55
N PHE A 86 -20.14 -13.68 8.48
CA PHE A 86 -21.35 -14.04 9.22
C PHE A 86 -20.94 -14.15 10.71
N HIS A 87 -21.93 -14.32 11.62
CA HIS A 87 -21.75 -14.45 13.09
C HIS A 87 -21.17 -13.19 13.75
N PRO B 1 -2.22 -13.92 18.47
CA PRO B 1 -3.55 -13.40 18.09
C PRO B 1 -4.52 -14.51 17.69
N ASP B 2 -5.84 -14.27 17.86
CA ASP B 2 -6.90 -15.23 17.52
C ASP B 2 -7.04 -15.36 16.00
N ALA B 3 -7.57 -16.49 15.49
CA ALA B 3 -7.77 -16.70 14.05
C ALA B 3 -8.82 -15.76 13.44
N TYR B 4 -10.02 -15.64 14.07
CA TYR B 4 -11.09 -14.75 13.60
C TYR B 4 -10.68 -13.28 13.72
N ARG B 5 -10.28 -12.87 14.93
CA ARG B 5 -9.87 -11.50 15.27
C ARG B 5 -8.65 -11.00 14.48
N PHE B 6 -7.75 -11.92 14.06
CA PHE B 6 -6.57 -11.57 13.26
C PHE B 6 -6.99 -11.33 11.82
N LEU B 7 -7.57 -12.36 11.18
CA LEU B 7 -8.01 -12.35 9.78
C LEU B 7 -9.06 -11.29 9.42
N THR B 8 -9.93 -10.93 10.36
CA THR B 8 -10.94 -9.89 10.14
C THR B 8 -10.24 -8.53 10.20
N GLU B 9 -9.40 -8.31 11.24
CA GLU B 9 -8.66 -7.07 11.42
C GLU B 9 -7.63 -6.83 10.30
N GLN B 10 -7.05 -7.89 9.70
CA GLN B 10 -6.11 -7.70 8.58
C GLN B 10 -6.83 -7.26 7.33
N ASP B 11 -8.00 -7.84 7.04
CA ASP B 11 -8.82 -7.42 5.90
C ASP B 11 -9.45 -6.04 6.18
N ARG B 12 -9.68 -5.68 7.46
CA ARG B 12 -10.16 -4.35 7.86
C ARG B 12 -9.05 -3.32 7.65
N GLN B 13 -7.80 -3.63 8.04
CA GLN B 13 -6.64 -2.74 7.87
C GLN B 13 -6.32 -2.50 6.37
N LEU B 14 -6.56 -3.52 5.52
CA LEU B 14 -6.37 -3.45 4.07
C LEU B 14 -7.38 -2.50 3.44
N ARG B 15 -8.66 -2.56 3.89
CA ARG B 15 -9.74 -1.68 3.40
C ARG B 15 -9.42 -0.23 3.71
N LEU B 16 -8.90 0.04 4.94
CA LEU B 16 -8.50 1.38 5.37
C LEU B 16 -7.34 1.92 4.54
N LEU B 17 -6.43 1.06 4.10
CA LEU B 17 -5.29 1.42 3.25
C LEU B 17 -5.79 1.94 1.90
N GLN B 18 -6.65 1.18 1.21
CA GLN B 18 -7.29 1.54 -0.08
C GLN B 18 -7.93 2.92 -0.03
N ALA B 19 -8.67 3.18 1.05
CA ALA B 19 -9.39 4.42 1.28
C ALA B 19 -8.45 5.59 1.56
N GLN B 20 -7.40 5.33 2.37
CA GLN B 20 -6.37 6.33 2.68
C GLN B 20 -5.69 6.79 1.43
N ILE B 21 -5.34 5.85 0.52
CA ILE B 21 -4.65 6.20 -0.72
C ILE B 21 -5.65 6.95 -1.62
N GLN B 22 -6.93 6.60 -1.55
CA GLN B 22 -7.99 7.24 -2.32
C GLN B 22 -8.19 8.70 -1.90
N ARG B 23 -8.12 9.00 -0.58
CA ARG B 23 -8.18 10.37 -0.08
C ARG B 23 -6.95 11.11 -0.62
N LEU B 24 -5.78 10.51 -0.42
CA LEU B 24 -4.48 11.02 -0.86
C LEU B 24 -4.48 11.39 -2.32
N LEU B 25 -4.99 10.52 -3.18
CA LEU B 25 -5.03 10.82 -4.60
C LEU B 25 -5.94 12.02 -4.87
N GLU B 26 -7.07 12.13 -4.14
CA GLU B 26 -7.95 13.27 -4.26
C GLU B 26 -7.26 14.52 -3.74
N ALA B 27 -6.64 14.45 -2.53
CA ALA B 27 -5.91 15.57 -1.91
C ALA B 27 -4.92 16.17 -2.89
N GLN B 28 -4.21 15.34 -3.61
CA GLN B 28 -3.25 15.74 -4.65
C GLN B 28 -3.90 16.51 -5.80
N SER B 29 -5.16 16.20 -6.13
CA SER B 29 -5.89 16.91 -7.19
C SER B 29 -6.14 18.40 -6.82
N LEU B 30 -6.26 18.69 -5.51
CA LEU B 30 -6.42 20.03 -4.97
C LEU B 30 -5.08 20.77 -4.88
N MET B 31 -3.98 20.05 -4.55
CA MET B 31 -2.63 20.63 -4.40
C MET B 31 -2.03 21.17 -5.71
N PRO B 32 -1.19 22.22 -5.67
CA PRO B 32 -0.65 22.93 -4.50
C PRO B 32 -1.25 24.34 -4.37
CL CL C . 7.73 -7.56 -2.01
#